data_6P6F
#
_entry.id   6P6F
#
loop_
_entity.id
_entity.type
_entity.pdbx_description
1 polymer I53-50A.1NT1
2 polymer I53-50B.4PT1
#
loop_
_entity_poly.entity_id
_entity_poly.type
_entity_poly.pdbx_seq_one_letter_code
_entity_poly.pdbx_strand_id
1 'polypeptide(L)'
;MDAMKRGLCCVLLLCGAVFVSPSQEIHARFRRGARAENLWVTVYYGVPVWKDAETTLFCASDAKAYETKKHNVWATHCCV
PTDPNPQEIHLENVTEEFNMWKNNMVEQMHTDIISLWDQSLKPCVKLTPLCVTLQCTNVTNNITDDMRGELKNCSFNMTT
ELRDKKQKVYSLFYRLDVVQINENQGNRSNNSNKEYRLINCNTSAITQACPKVSFEPIPIHYCAPAGFAILKCKDKKFNG
TGPCPSVSTVQCTHGIKPVVSTQLLLNGSLAEEEVMIRSENITNNAKNILVQFNTPVQINCTRPNNNTRKSIRIGPGQWF
YATGDIIGDIRQAHCNVSKATWNETLGKVVKQLRKHFGNNTIIRFANSSGGDLEVTTHSFNCGGEFFYCNTSGLFNSTWI
SNTSVQGSNSTGSNDSITLPCRIKQIINMWQRIGQAMYAPPIQGVIRCVSNITGLILTRDGGSTNSTTETFRPGGGDMRD
NWRSELYKYKVVKIEPLGVAPTRCKRRVVGRRRRRRAVGIGAVFLGFLGAAGSTMGAASMTLTVQARNLLSGIVQQQSNL
LRAPECQQHLLKLTVWGIKQLQARVLAVERYLRDQQLLGIWGCSGKLICCTNVPWNSSWSNRNLSEIWDNMTWLQWDKEI
SNYTQIIYGLLEESQNQQEKNEQDLLALDGSGGSGGSGGSGGSEKAAKAEEAARKMEELFKKHKIVAVLRANSVEEAIEK
AVAVFAGGVHLIEITFTVPDADTVIKALSVLKEKGAIIGAGTVTSVEQCRKAVESGAEFIVSPHLDEEISQFCKEKGVFY
MPGVMTPTELVKAMKLGHDILKLFPGEVVGPEFVKAMKGPFPNVKFVPTGGVDLDNVCEWFDAGVLAVGVGDALVEGDPD
EVREKAKEFVEKIRGCTE
;
A
2 'polypeptide(L)'
;MNQHSHKDHETVRIAVVRARWHAEIVDACVSAFEAAMRDIGGDRFAVDVFDVPGAYEIPLHARTLAETGRYGAVLGTAFV
VNGGIYRHEFVASAVINGMMNVQLNTGVPVLSAVLTPHNYDKSKAHTLLFLALFAVKGMEAARACVEILAAREKIAAGSL
EHHHHHH
;
B
#
# COMPACT_ATOMS: atom_id res chain seq x y z
N MET A 696 -9.14 9.70 12.91
CA MET A 696 -8.15 8.85 13.58
C MET A 696 -8.30 8.74 15.07
N GLU A 697 -9.09 9.62 15.66
CA GLU A 697 -9.18 9.64 17.10
C GLU A 697 -9.74 8.35 17.67
N GLU A 698 -10.75 7.81 17.00
CA GLU A 698 -11.38 6.60 17.45
C GLU A 698 -10.44 5.43 17.28
N LEU A 699 -9.75 5.43 16.16
CA LEU A 699 -8.84 4.36 15.80
C LEU A 699 -7.67 4.26 16.73
N PHE A 700 -7.11 5.38 17.15
CA PHE A 700 -6.00 5.23 18.04
C PHE A 700 -6.49 4.63 19.35
N LYS A 701 -7.65 5.10 19.83
CA LYS A 701 -8.17 4.57 21.08
C LYS A 701 -8.49 3.09 20.97
N LYS A 702 -9.03 2.69 19.83
CA LYS A 702 -9.42 1.33 19.55
C LYS A 702 -8.28 0.35 19.44
N HIS A 703 -7.19 0.72 18.75
CA HIS A 703 -6.13 -0.25 18.54
C HIS A 703 -4.92 -0.12 19.46
N LYS A 704 -4.59 1.08 19.92
CA LYS A 704 -3.45 1.35 20.81
C LYS A 704 -2.05 1.03 20.24
N ILE A 705 -1.96 0.79 18.94
CA ILE A 705 -0.66 0.53 18.34
C ILE A 705 -0.61 0.92 16.88
N VAL A 706 0.51 1.50 16.48
CA VAL A 706 0.75 1.83 15.08
C VAL A 706 2.04 1.20 14.61
N ALA A 707 2.00 0.47 13.52
CA ALA A 707 3.23 -0.09 13.03
C ALA A 707 3.94 0.93 12.20
N VAL A 708 5.24 1.02 12.32
CA VAL A 708 5.96 1.95 11.48
C VAL A 708 6.83 1.17 10.51
N LEU A 709 6.53 1.29 9.23
CA LEU A 709 7.27 0.52 8.26
C LEU A 709 8.38 1.30 7.60
N ARG A 710 9.44 0.56 7.35
CA ARG A 710 10.62 0.99 6.64
C ARG A 710 10.99 -0.15 5.71
N ALA A 711 11.36 0.17 4.49
CA ALA A 711 11.69 -0.85 3.51
C ALA A 711 12.61 -0.31 2.46
N ASN A 712 13.34 -1.18 1.79
CA ASN A 712 14.18 -0.76 0.68
C ASN A 712 13.51 -1.02 -0.66
N SER A 713 12.28 -1.48 -0.62
CA SER A 713 11.54 -1.79 -1.83
C SER A 713 10.05 -1.82 -1.59
N VAL A 714 9.31 -1.84 -2.69
CA VAL A 714 7.87 -1.91 -2.65
C VAL A 714 7.42 -3.27 -2.15
N GLU A 715 8.05 -4.32 -2.65
CA GLU A 715 7.69 -5.65 -2.27
C GLU A 715 7.97 -5.89 -0.80
N GLU A 716 9.09 -5.37 -0.32
CA GLU A 716 9.42 -5.54 1.08
C GLU A 716 8.39 -4.85 1.96
N ALA A 717 8.01 -3.62 1.58
CA ALA A 717 7.04 -2.90 2.37
C ALA A 717 5.72 -3.63 2.39
N ILE A 718 5.34 -4.24 1.28
CA ILE A 718 4.09 -4.96 1.24
C ILE A 718 4.16 -6.19 2.11
N GLU A 719 5.24 -6.97 2.03
CA GLU A 719 5.30 -8.16 2.83
C GLU A 719 5.24 -7.84 4.30
N LYS A 720 5.90 -6.77 4.73
CA LYS A 720 5.84 -6.45 6.13
C LYS A 720 4.45 -5.96 6.47
N ALA A 721 3.84 -5.12 5.63
CA ALA A 721 2.53 -4.61 5.97
C ALA A 721 1.54 -5.73 6.14
N VAL A 722 1.65 -6.74 5.30
CA VAL A 722 0.75 -7.86 5.39
C VAL A 722 1.07 -8.68 6.61
N ALA A 723 2.33 -8.96 6.90
CA ALA A 723 2.62 -9.75 8.09
C ALA A 723 2.11 -9.05 9.36
N VAL A 724 2.27 -7.74 9.39
CA VAL A 724 1.87 -6.93 10.53
C VAL A 724 0.36 -6.90 10.67
N PHE A 725 -0.32 -6.66 9.55
CA PHE A 725 -1.75 -6.62 9.50
C PHE A 725 -2.36 -7.98 9.81
N ALA A 726 -1.84 -9.01 9.18
CA ALA A 726 -2.34 -10.36 9.36
C ALA A 726 -2.22 -10.77 10.82
N GLY A 727 -1.16 -10.29 11.49
CA GLY A 727 -0.85 -10.56 12.88
C GLY A 727 -1.67 -9.73 13.88
N GLY A 728 -2.55 -8.82 13.40
CA GLY A 728 -3.38 -8.03 14.29
C GLY A 728 -3.13 -6.52 14.42
N VAL A 729 -2.19 -5.93 13.68
CA VAL A 729 -2.03 -4.49 13.80
C VAL A 729 -2.69 -3.80 12.61
N HIS A 730 -3.70 -3.03 12.91
CA HIS A 730 -4.49 -2.36 11.89
C HIS A 730 -4.02 -0.99 11.49
N LEU A 731 -3.29 -0.30 12.35
CA LEU A 731 -2.88 1.04 11.98
C LEU A 731 -1.45 1.00 11.51
N ILE A 732 -1.26 1.26 10.22
CA ILE A 732 0.07 1.17 9.65
C ILE A 732 0.53 2.47 9.02
N GLU A 733 1.68 2.92 9.47
CA GLU A 733 2.33 4.12 9.00
C GLU A 733 3.48 3.75 8.07
N ILE A 734 3.44 4.23 6.85
CA ILE A 734 4.49 3.92 5.90
C ILE A 734 5.46 5.07 5.83
N THR A 735 6.72 4.88 6.16
CA THR A 735 7.54 6.06 6.08
C THR A 735 7.54 6.53 4.64
N PHE A 736 7.44 7.82 4.45
CA PHE A 736 7.41 8.41 3.14
C PHE A 736 8.72 8.21 2.40
N THR A 737 9.77 7.86 3.12
CA THR A 737 11.08 7.70 2.52
C THR A 737 11.29 6.33 1.87
N VAL A 738 10.31 5.43 1.94
CA VAL A 738 10.48 4.13 1.29
C VAL A 738 10.61 4.45 -0.20
N PRO A 739 11.58 3.90 -0.94
CA PRO A 739 11.70 4.18 -2.34
C PRO A 739 10.36 3.85 -2.92
N ASP A 740 9.82 4.73 -3.74
CA ASP A 740 8.50 4.53 -4.30
C ASP A 740 7.44 4.26 -3.20
N ALA A 741 7.51 5.00 -2.08
CA ALA A 741 6.53 4.88 -1.01
C ALA A 741 5.15 5.13 -1.57
N ASP A 742 5.05 6.02 -2.53
CA ASP A 742 3.76 6.35 -3.10
C ASP A 742 3.07 5.11 -3.66
N THR A 743 3.85 4.18 -4.24
CA THR A 743 3.35 2.94 -4.81
C THR A 743 2.87 2.06 -3.70
N VAL A 744 3.64 2.04 -2.62
CA VAL A 744 3.32 1.18 -1.49
C VAL A 744 2.03 1.64 -0.83
N ILE A 745 1.90 2.93 -0.64
CA ILE A 745 0.75 3.50 0.02
C ILE A 745 -0.49 3.20 -0.79
N LYS A 746 -0.41 3.40 -2.10
CA LYS A 746 -1.55 3.14 -2.96
C LYS A 746 -1.84 1.63 -3.10
N ALA A 747 -0.82 0.79 -3.24
CA ALA A 747 -1.02 -0.65 -3.40
C ALA A 747 -1.67 -1.25 -2.17
N LEU A 748 -1.33 -0.76 -0.99
CA LEU A 748 -1.87 -1.30 0.23
C LEU A 748 -3.24 -0.79 0.53
N SER A 749 -3.81 -0.01 -0.37
CA SER A 749 -5.16 0.47 -0.20
C SER A 749 -6.11 -0.72 -0.29
N VAL A 750 -5.63 -1.85 -0.83
CA VAL A 750 -6.46 -3.03 -0.94
C VAL A 750 -6.81 -3.56 0.45
N LEU A 751 -5.97 -3.27 1.44
CA LEU A 751 -6.18 -3.79 2.77
C LEU A 751 -7.21 -2.96 3.50
N LYS A 752 -7.61 -1.83 2.93
CA LYS A 752 -8.57 -1.00 3.61
C LYS A 752 -9.89 -1.74 3.72
N GLU A 753 -10.17 -2.66 2.80
CA GLU A 753 -11.45 -3.34 2.82
C GLU A 753 -11.43 -4.50 3.79
N LYS A 754 -10.27 -4.71 4.42
CA LYS A 754 -10.09 -5.74 5.39
C LYS A 754 -9.97 -5.10 6.77
N GLY A 755 -10.15 -3.77 6.83
CA GLY A 755 -10.02 -3.05 8.09
C GLY A 755 -8.65 -2.40 8.35
N ALA A 756 -7.75 -2.35 7.36
CA ALA A 756 -6.47 -1.70 7.58
C ALA A 756 -6.61 -0.21 7.43
N ILE A 757 -5.82 0.53 8.19
CA ILE A 757 -5.77 1.97 8.05
C ILE A 757 -4.37 2.30 7.56
N ILE A 758 -4.28 2.89 6.39
CA ILE A 758 -2.98 3.15 5.81
C ILE A 758 -2.67 4.62 5.75
N GLY A 759 -1.56 5.02 6.36
CA GLY A 759 -1.11 6.40 6.34
C GLY A 759 0.38 6.47 6.06
N ALA A 760 0.98 7.63 6.23
CA ALA A 760 2.41 7.77 5.94
C ALA A 760 3.11 8.66 6.94
N GLY A 761 4.34 8.30 7.23
CA GLY A 761 5.14 9.04 8.19
C GLY A 761 6.37 9.69 7.61
N THR A 762 7.18 10.23 8.50
CA THR A 762 8.39 10.95 8.17
C THR A 762 8.12 11.99 7.10
N VAL A 763 7.04 12.73 7.27
CA VAL A 763 6.75 13.75 6.30
C VAL A 763 7.33 15.06 6.79
N THR A 764 8.16 15.65 5.96
CA THR A 764 8.88 16.87 6.26
C THR A 764 8.39 18.05 5.42
N SER A 765 7.56 17.79 4.39
CA SER A 765 7.08 18.90 3.56
C SER A 765 5.67 18.70 3.02
N VAL A 766 5.11 19.79 2.50
CA VAL A 766 3.78 19.77 1.91
C VAL A 766 3.76 19.05 0.56
N GLU A 767 4.87 19.07 -0.16
CA GLU A 767 4.91 18.36 -1.43
C GLU A 767 4.80 16.86 -1.18
N GLN A 768 5.47 16.39 -0.11
CA GLN A 768 5.41 15.00 0.28
C GLN A 768 4.02 14.67 0.75
N CYS A 769 3.40 15.61 1.47
CA CYS A 769 2.05 15.41 1.95
C CYS A 769 1.13 15.23 0.78
N ARG A 770 1.27 16.09 -0.22
CA ARG A 770 0.40 16.02 -1.35
C ARG A 770 0.44 14.65 -1.97
N LYS A 771 1.62 14.08 -2.12
CA LYS A 771 1.69 12.74 -2.69
C LYS A 771 1.10 11.71 -1.72
N ALA A 772 1.35 11.85 -0.42
CA ALA A 772 0.78 10.88 0.51
C ALA A 772 -0.75 10.91 0.42
N VAL A 773 -1.31 12.10 0.23
CA VAL A 773 -2.75 12.30 0.10
C VAL A 773 -3.23 11.71 -1.22
N GLU A 774 -2.49 11.98 -2.30
CA GLU A 774 -2.81 11.49 -3.64
C GLU A 774 -2.94 9.98 -3.66
N SER A 775 -2.08 9.30 -2.90
CA SER A 775 -2.07 7.85 -2.81
C SER A 775 -3.07 7.29 -1.80
N GLY A 776 -3.82 8.15 -1.12
CA GLY A 776 -4.81 7.67 -0.16
C GLY A 776 -4.39 7.60 1.31
N ALA A 777 -3.33 8.29 1.71
CA ALA A 777 -2.97 8.23 3.11
C ALA A 777 -4.14 8.71 3.97
N GLU A 778 -4.42 7.96 5.02
CA GLU A 778 -5.47 8.30 5.98
C GLU A 778 -4.98 9.40 6.92
N PHE A 779 -3.69 9.33 7.20
CA PHE A 779 -3.03 10.25 8.08
C PHE A 779 -1.59 10.51 7.68
N ILE A 780 -1.09 11.65 8.13
CA ILE A 780 0.28 12.13 7.99
C ILE A 780 0.97 12.37 9.30
N VAL A 781 2.15 11.82 9.45
CA VAL A 781 2.89 12.04 10.67
C VAL A 781 4.23 12.70 10.34
N SER A 782 4.53 13.81 11.00
CA SER A 782 5.79 14.50 10.74
C SER A 782 6.77 14.31 11.89
N PRO A 783 8.10 14.36 11.68
CA PRO A 783 9.12 14.33 12.71
C PRO A 783 9.06 15.53 13.65
N HIS A 784 8.45 16.60 13.18
CA HIS A 784 8.35 17.82 13.94
C HIS A 784 7.08 18.57 13.59
N LEU A 785 6.58 19.36 14.54
CA LEU A 785 5.48 20.25 14.23
C LEU A 785 5.86 21.20 13.13
N ASP A 786 5.03 21.27 12.11
CA ASP A 786 5.30 22.11 10.98
C ASP A 786 4.00 22.73 10.55
N GLU A 787 3.94 24.04 10.61
CA GLU A 787 2.76 24.82 10.32
C GLU A 787 2.28 24.67 8.87
N GLU A 788 3.21 24.51 7.93
CA GLU A 788 2.80 24.37 6.55
C GLU A 788 2.18 23.00 6.37
N ILE A 789 2.75 21.99 7.04
CA ILE A 789 2.15 20.67 6.93
C ILE A 789 0.79 20.68 7.56
N SER A 790 0.68 21.26 8.74
CA SER A 790 -0.58 21.32 9.40
C SER A 790 -1.65 22.03 8.60
N GLN A 791 -1.33 23.19 8.01
CA GLN A 791 -2.35 23.88 7.26
C GLN A 791 -2.74 23.10 6.03
N PHE A 792 -1.77 22.47 5.38
CA PHE A 792 -2.05 21.68 4.20
C PHE A 792 -3.02 20.58 4.55
N CYS A 793 -2.72 19.88 5.64
CA CYS A 793 -3.50 18.75 6.06
C CYS A 793 -4.92 19.16 6.42
N LYS A 794 -5.08 20.33 7.06
CA LYS A 794 -6.41 20.79 7.41
C LYS A 794 -7.24 21.04 6.17
N GLU A 795 -6.62 21.63 5.15
CA GLU A 795 -7.30 21.93 3.90
C GLU A 795 -7.71 20.65 3.17
N LYS A 796 -6.84 19.63 3.24
CA LYS A 796 -7.11 18.36 2.59
C LYS A 796 -8.02 17.44 3.40
N GLY A 797 -8.11 17.61 4.72
CA GLY A 797 -8.94 16.74 5.53
C GLY A 797 -8.25 15.43 5.89
N VAL A 798 -6.93 15.47 5.98
CA VAL A 798 -6.12 14.30 6.31
C VAL A 798 -5.62 14.48 7.74
N PHE A 799 -5.69 13.43 8.55
CA PHE A 799 -5.29 13.63 9.93
C PHE A 799 -3.81 13.91 10.07
N TYR A 800 -3.47 14.92 10.86
CA TYR A 800 -2.06 15.24 11.06
C TYR A 800 -1.61 15.15 12.49
N MET A 801 -0.48 14.46 12.68
CA MET A 801 0.13 14.34 13.98
C MET A 801 1.57 14.89 13.97
N PRO A 802 1.82 16.09 14.53
CA PRO A 802 3.10 16.76 14.62
C PRO A 802 3.99 16.14 15.67
N GLY A 803 5.30 16.23 15.51
CA GLY A 803 6.23 15.79 16.55
C GLY A 803 6.71 16.88 17.49
N VAL A 804 6.83 16.50 18.78
CA VAL A 804 7.33 17.37 19.85
C VAL A 804 8.34 16.66 20.79
N MET A 805 9.11 17.46 21.55
CA MET A 805 9.92 16.96 22.68
C MET A 805 9.83 17.77 23.97
N THR A 806 9.36 19.03 23.91
CA THR A 806 9.35 19.88 25.09
C THR A 806 7.97 20.51 25.22
N PRO A 807 7.57 21.02 26.41
CA PRO A 807 6.35 21.77 26.66
C PRO A 807 6.15 22.93 25.72
N THR A 808 7.21 23.60 25.29
CA THR A 808 7.00 24.71 24.38
C THR A 808 6.47 24.21 23.06
N GLU A 809 7.08 23.14 22.55
CA GLU A 809 6.67 22.58 21.28
C GLU A 809 5.27 22.00 21.40
N LEU A 810 4.99 21.40 22.55
CA LEU A 810 3.72 20.78 22.87
C LEU A 810 2.64 21.86 22.79
N VAL A 811 2.90 22.97 23.45
CA VAL A 811 1.97 24.07 23.47
C VAL A 811 1.78 24.68 22.11
N LYS A 812 2.86 24.87 21.34
CA LYS A 812 2.61 25.43 20.04
C LYS A 812 1.66 24.54 19.29
N ALA A 813 1.82 23.22 19.39
CA ALA A 813 0.89 22.35 18.71
C ALA A 813 -0.53 22.50 19.26
N MET A 814 -0.69 22.64 20.58
CA MET A 814 -2.03 22.79 21.15
C MET A 814 -2.71 24.03 20.64
N LYS A 815 -1.96 25.11 20.51
CA LYS A 815 -2.46 26.40 20.05
C LYS A 815 -2.89 26.37 18.59
N LEU A 816 -2.48 25.35 17.85
CA LEU A 816 -2.81 25.19 16.47
C LEU A 816 -3.90 24.14 16.29
N GLY A 817 -4.44 23.63 17.41
CA GLY A 817 -5.49 22.63 17.35
C GLY A 817 -5.03 21.16 17.31
N HIS A 818 -3.79 20.85 17.70
CA HIS A 818 -3.39 19.46 17.63
C HIS A 818 -3.20 18.90 19.03
N ASP A 819 -4.16 18.08 19.48
CA ASP A 819 -4.11 17.54 20.84
C ASP A 819 -3.51 16.14 20.92
N ILE A 820 -3.14 15.58 19.77
CA ILE A 820 -2.48 14.28 19.69
C ILE A 820 -1.13 14.55 19.09
N LEU A 821 -0.07 14.20 19.80
CA LEU A 821 1.26 14.50 19.34
C LEU A 821 2.12 13.25 19.15
N LYS A 822 3.08 13.32 18.23
CA LYS A 822 4.08 12.26 18.11
C LYS A 822 5.14 12.60 19.11
N LEU A 823 5.52 11.67 19.95
CA LEU A 823 6.55 12.02 20.91
C LEU A 823 7.86 11.44 20.37
N PHE A 824 8.84 12.30 20.09
CA PHE A 824 10.01 11.76 19.42
C PHE A 824 11.37 12.46 19.54
N PRO A 825 12.44 11.69 19.81
CA PRO A 825 12.53 10.28 20.19
C PRO A 825 11.97 10.00 21.57
N GLY A 826 11.24 8.89 21.68
CA GLY A 826 10.70 8.44 22.95
C GLY A 826 11.85 7.93 23.81
N GLU A 827 12.96 7.67 23.13
CA GLU A 827 14.20 7.20 23.69
C GLU A 827 14.82 8.23 24.62
N VAL A 828 14.52 9.52 24.39
CA VAL A 828 15.10 10.54 25.22
C VAL A 828 14.15 10.92 26.34
N VAL A 829 12.89 11.15 25.99
CA VAL A 829 11.92 11.63 26.97
C VAL A 829 11.24 10.56 27.88
N GLY A 830 10.96 9.37 27.33
CA GLY A 830 10.39 8.28 28.09
C GLY A 830 8.95 8.47 28.55
N PRO A 831 8.39 7.45 29.22
CA PRO A 831 7.09 7.45 29.86
C PRO A 831 7.03 8.51 30.94
N GLU A 832 8.18 8.91 31.47
CA GLU A 832 8.20 9.91 32.51
C GLU A 832 7.73 11.24 31.95
N PHE A 833 8.18 11.58 30.75
CA PHE A 833 7.74 12.81 30.12
C PHE A 833 6.25 12.75 29.93
N VAL A 834 5.78 11.64 29.39
CA VAL A 834 4.35 11.54 29.09
C VAL A 834 3.53 11.75 30.34
N LYS A 835 3.93 11.15 31.45
CA LYS A 835 3.20 11.33 32.68
C LYS A 835 3.31 12.76 33.19
N ALA A 836 4.51 13.35 33.16
CA ALA A 836 4.72 14.69 33.69
C ALA A 836 3.83 15.70 33.00
N MET A 837 3.64 15.52 31.70
CA MET A 837 2.88 16.44 30.88
C MET A 837 1.42 16.47 31.24
N LYS A 838 0.90 15.45 31.91
CA LYS A 838 -0.52 15.41 32.18
C LYS A 838 -0.90 16.47 33.18
N GLY A 839 0.05 16.93 33.98
CA GLY A 839 -0.26 17.95 34.96
C GLY A 839 -0.74 19.20 34.25
N PRO A 840 0.15 19.92 33.55
CA PRO A 840 -0.17 21.07 32.74
C PRO A 840 -0.96 20.81 31.48
N PHE A 841 -0.90 19.60 30.93
CA PHE A 841 -1.59 19.36 29.69
C PHE A 841 -2.40 18.07 29.80
N PRO A 842 -3.45 18.02 30.62
CA PRO A 842 -4.25 16.84 30.92
C PRO A 842 -5.02 16.34 29.71
N ASN A 843 -5.17 17.21 28.72
CA ASN A 843 -5.91 16.90 27.53
C ASN A 843 -5.02 16.54 26.33
N VAL A 844 -3.74 16.31 26.57
CA VAL A 844 -2.84 15.95 25.48
C VAL A 844 -2.50 14.46 25.47
N LYS A 845 -2.65 13.91 24.29
CA LYS A 845 -2.44 12.51 24.00
C LYS A 845 -1.14 12.31 23.27
N PHE A 846 -0.44 11.25 23.58
CA PHE A 846 0.79 10.98 22.85
C PHE A 846 0.84 9.65 22.20
N VAL A 847 1.57 9.64 21.08
CA VAL A 847 1.93 8.42 20.42
C VAL A 847 3.45 8.43 20.21
N PRO A 848 4.23 7.94 21.17
CA PRO A 848 5.66 7.91 21.12
C PRO A 848 6.15 6.99 20.06
N THR A 849 7.28 7.36 19.49
CA THR A 849 8.00 6.48 18.58
C THR A 849 9.45 6.40 19.06
N GLY A 850 9.93 5.18 19.20
CA GLY A 850 11.27 4.93 19.68
C GLY A 850 11.18 4.78 21.18
N GLY A 851 12.01 3.91 21.75
CA GLY A 851 11.97 3.72 23.20
C GLY A 851 10.83 2.80 23.60
N VAL A 852 10.19 2.20 22.59
CA VAL A 852 9.05 1.34 22.78
C VAL A 852 9.34 -0.06 22.33
N ASP A 853 9.14 -1.00 23.23
CA ASP A 853 9.28 -2.40 22.91
C ASP A 853 8.25 -3.15 23.73
N LEU A 854 8.16 -4.45 23.58
CA LEU A 854 7.14 -5.20 24.31
C LEU A 854 7.50 -5.33 25.77
N ASP A 855 8.75 -5.01 26.07
CA ASP A 855 9.29 -5.06 27.41
C ASP A 855 8.78 -3.90 28.25
N ASN A 856 8.48 -2.76 27.63
CA ASN A 856 8.07 -1.60 28.40
C ASN A 856 6.80 -0.97 27.85
N VAL A 857 6.11 -1.63 26.94
CA VAL A 857 4.94 -1.01 26.38
C VAL A 857 3.90 -0.71 27.43
N CYS A 858 3.84 -1.52 28.47
CA CYS A 858 2.87 -1.28 29.51
C CYS A 858 3.24 -0.08 30.36
N GLU A 859 4.53 0.31 30.38
CA GLU A 859 4.95 1.46 31.17
C GLU A 859 4.47 2.70 30.46
N TRP A 860 4.55 2.65 29.13
CA TRP A 860 4.10 3.75 28.32
C TRP A 860 2.60 3.95 28.52
N PHE A 861 1.86 2.85 28.61
CA PHE A 861 0.44 2.97 28.85
C PHE A 861 0.16 3.43 30.29
N ASP A 862 0.92 2.97 31.29
CA ASP A 862 0.67 3.44 32.65
C ASP A 862 0.85 4.95 32.73
N ALA A 863 1.80 5.46 31.94
CA ALA A 863 2.11 6.88 31.87
C ALA A 863 1.02 7.70 31.21
N GLY A 864 0.07 7.07 30.50
CA GLY A 864 -0.96 7.83 29.83
C GLY A 864 -0.85 8.01 28.31
N VAL A 865 -0.04 7.22 27.61
CA VAL A 865 -0.01 7.41 26.15
C VAL A 865 -1.34 6.98 25.57
N LEU A 866 -1.63 7.46 24.37
CA LEU A 866 -2.83 7.09 23.65
C LEU A 866 -2.64 5.78 22.93
N ALA A 867 -1.50 5.69 22.30
CA ALA A 867 -1.14 4.55 21.49
C ALA A 867 0.34 4.54 21.42
N VAL A 868 0.94 3.44 21.04
CA VAL A 868 2.38 3.49 20.84
C VAL A 868 2.74 3.17 19.41
N GLY A 869 3.72 3.88 18.87
CA GLY A 869 4.18 3.52 17.56
C GLY A 869 5.24 2.49 17.80
N VAL A 870 5.37 1.50 16.94
CA VAL A 870 6.44 0.55 17.16
C VAL A 870 7.23 0.38 15.86
N GLY A 871 8.55 0.44 16.01
CA GLY A 871 9.48 0.32 14.90
C GLY A 871 10.00 -1.09 14.73
N ASP A 872 11.32 -1.22 14.67
CA ASP A 872 11.98 -2.48 14.33
C ASP A 872 11.54 -3.63 15.22
N ALA A 873 11.24 -3.36 16.48
CA ALA A 873 10.81 -4.41 17.41
C ALA A 873 9.60 -5.16 16.88
N LEU A 874 8.77 -4.49 16.10
CA LEU A 874 7.57 -5.06 15.51
C LEU A 874 7.71 -5.43 14.05
N VAL A 875 8.43 -4.63 13.30
CA VAL A 875 8.41 -4.83 11.85
C VAL A 875 9.65 -5.47 11.23
N GLU A 876 10.74 -5.62 11.97
CA GLU A 876 11.93 -6.21 11.36
C GLU A 876 11.93 -7.74 11.45
N GLY A 877 12.58 -8.37 10.47
CA GLY A 877 12.74 -9.81 10.42
C GLY A 877 11.93 -10.44 9.27
N ASP A 878 11.97 -11.76 9.21
CA ASP A 878 11.29 -12.51 8.17
C ASP A 878 9.81 -12.20 8.29
N PRO A 879 9.03 -12.01 7.23
CA PRO A 879 7.60 -11.76 7.33
C PRO A 879 6.90 -12.74 8.30
N ASP A 880 7.35 -14.00 8.41
CA ASP A 880 6.68 -14.87 9.37
C ASP A 880 7.03 -14.47 10.80
N GLU A 881 8.24 -13.96 11.01
CA GLU A 881 8.71 -13.53 12.32
C GLU A 881 7.97 -12.26 12.67
N VAL A 882 7.75 -11.44 11.65
CA VAL A 882 7.07 -10.18 11.81
C VAL A 882 5.64 -10.42 12.23
N ARG A 883 4.99 -11.39 11.62
CA ARG A 883 3.63 -11.70 11.98
C ARG A 883 3.57 -12.18 13.43
N GLU A 884 4.53 -12.99 13.87
CA GLU A 884 4.51 -13.44 15.25
C GLU A 884 4.75 -12.28 16.21
N LYS A 885 5.63 -11.35 15.83
CA LYS A 885 5.90 -10.20 16.68
C LYS A 885 4.66 -9.34 16.80
N ALA A 886 3.91 -9.19 15.71
CA ALA A 886 2.70 -8.40 15.77
C ALA A 886 1.73 -9.02 16.74
N LYS A 887 1.63 -10.35 16.74
CA LYS A 887 0.73 -10.97 17.68
C LYS A 887 1.21 -10.70 19.11
N GLU A 888 2.52 -10.76 19.34
CA GLU A 888 3.05 -10.54 20.68
C GLU A 888 2.77 -9.13 21.18
N PHE A 889 2.90 -8.14 20.30
CA PHE A 889 2.63 -6.77 20.70
C PHE A 889 1.16 -6.54 20.97
N VAL A 890 0.31 -7.10 20.14
CA VAL A 890 -1.10 -6.91 20.35
C VAL A 890 -1.53 -7.55 21.65
N GLU A 891 -1.05 -8.77 21.91
CA GLU A 891 -1.44 -9.47 23.12
C GLU A 891 -0.88 -8.78 24.36
N LYS A 892 0.35 -8.26 24.28
CA LYS A 892 0.92 -7.62 25.44
C LYS A 892 0.14 -6.37 25.78
N ILE A 893 -0.26 -5.59 24.76
CA ILE A 893 -1.04 -4.38 25.00
C ILE A 893 -2.43 -4.78 25.48
N ARG A 894 -3.03 -5.81 24.88
CA ARG A 894 -4.34 -6.30 25.28
C ARG A 894 -4.40 -6.51 26.79
N GLY A 895 -3.31 -7.03 27.35
CA GLY A 895 -3.22 -7.32 28.77
C GLY A 895 -2.87 -6.14 29.68
N CYS A 896 -2.71 -4.92 29.14
CA CYS A 896 -2.36 -3.77 29.98
C CYS A 896 -2.75 -2.44 29.36
N HIS B 6 -6.68 14.02 -40.42
CA HIS B 6 -7.07 14.90 -39.32
C HIS B 6 -6.02 14.95 -38.23
N LYS B 7 -6.30 15.73 -37.19
CA LYS B 7 -5.39 15.83 -36.06
C LYS B 7 -5.60 14.63 -35.16
N ASP B 8 -4.51 14.03 -34.69
CA ASP B 8 -4.71 12.84 -33.89
C ASP B 8 -4.98 13.13 -32.43
N HIS B 9 -6.26 13.18 -32.13
CA HIS B 9 -6.77 13.39 -30.80
C HIS B 9 -7.66 12.21 -30.46
N GLU B 10 -7.36 11.06 -31.07
CA GLU B 10 -8.16 9.88 -30.85
C GLU B 10 -7.77 9.17 -29.57
N THR B 11 -8.75 8.60 -28.91
CA THR B 11 -8.49 7.81 -27.72
C THR B 11 -7.89 6.47 -28.12
N VAL B 12 -6.83 6.07 -27.44
CA VAL B 12 -6.25 4.78 -27.70
C VAL B 12 -7.04 3.75 -26.93
N ARG B 13 -7.51 2.74 -27.62
CA ARG B 13 -8.31 1.74 -26.93
C ARG B 13 -7.45 0.58 -26.45
N ILE B 14 -7.63 0.24 -25.19
CA ILE B 14 -6.92 -0.82 -24.54
C ILE B 14 -7.85 -1.90 -24.09
N ALA B 15 -7.49 -3.15 -24.33
CA ALA B 15 -8.33 -4.22 -23.82
C ALA B 15 -7.62 -4.94 -22.71
N VAL B 16 -8.39 -5.35 -21.72
CA VAL B 16 -7.88 -6.21 -20.66
C VAL B 16 -8.64 -7.51 -20.63
N VAL B 17 -7.91 -8.62 -20.69
CA VAL B 17 -8.56 -9.92 -20.64
C VAL B 17 -8.19 -10.59 -19.33
N ARG B 18 -9.18 -10.87 -18.48
CA ARG B 18 -8.85 -11.38 -17.16
C ARG B 18 -9.53 -12.68 -16.75
N ALA B 19 -8.71 -13.58 -16.21
CA ALA B 19 -9.14 -14.89 -15.73
C ALA B 19 -10.08 -14.79 -14.55
N ARG B 20 -11.06 -15.69 -14.47
CA ARG B 20 -11.99 -15.67 -13.34
C ARG B 20 -11.55 -16.45 -12.11
N TRP B 21 -10.43 -17.14 -12.21
CA TRP B 21 -9.94 -17.86 -11.05
C TRP B 21 -9.23 -16.90 -10.14
N HIS B 22 -9.48 -16.98 -8.84
CA HIS B 22 -8.83 -16.08 -7.90
C HIS B 22 -9.11 -14.66 -8.33
N ALA B 23 -10.36 -14.38 -8.67
CA ALA B 23 -10.77 -13.08 -9.18
C ALA B 23 -10.46 -11.97 -8.19
N GLU B 24 -10.52 -12.25 -6.90
CA GLU B 24 -10.27 -11.19 -5.93
C GLU B 24 -8.87 -10.62 -6.09
N ILE B 25 -7.94 -11.45 -6.54
CA ILE B 25 -6.58 -11.04 -6.73
C ILE B 25 -6.39 -10.53 -8.15
N VAL B 26 -6.90 -11.24 -9.12
CA VAL B 26 -6.69 -10.83 -10.49
C VAL B 26 -7.31 -9.45 -10.72
N ASP B 27 -8.49 -9.23 -10.17
CA ASP B 27 -9.17 -7.96 -10.31
C ASP B 27 -8.44 -6.84 -9.58
N ALA B 28 -7.56 -7.15 -8.61
CA ALA B 28 -6.83 -6.10 -7.89
C ALA B 28 -5.90 -5.43 -8.87
N CYS B 29 -5.34 -6.26 -9.74
CA CYS B 29 -4.45 -5.81 -10.78
C CYS B 29 -5.22 -5.01 -11.78
N VAL B 30 -6.37 -5.52 -12.19
CA VAL B 30 -7.13 -4.84 -13.20
C VAL B 30 -7.61 -3.50 -12.70
N SER B 31 -8.11 -3.43 -11.47
CA SER B 31 -8.58 -2.17 -10.97
C SER B 31 -7.45 -1.16 -10.89
N ALA B 32 -6.29 -1.59 -10.39
CA ALA B 32 -5.16 -0.70 -10.29
C ALA B 32 -4.73 -0.24 -11.66
N PHE B 33 -4.77 -1.14 -12.64
CA PHE B 33 -4.41 -0.84 -14.01
C PHE B 33 -5.30 0.24 -14.54
N GLU B 34 -6.61 0.07 -14.38
CA GLU B 34 -7.53 1.04 -14.92
C GLU B 34 -7.32 2.40 -14.29
N ALA B 35 -7.09 2.43 -12.97
CA ALA B 35 -6.89 3.69 -12.32
C ALA B 35 -5.62 4.36 -12.81
N ALA B 36 -4.57 3.57 -12.96
CA ALA B 36 -3.31 4.08 -13.42
C ALA B 36 -3.43 4.55 -14.86
N MET B 37 -4.20 3.86 -15.69
CA MET B 37 -4.32 4.33 -17.05
C MET B 37 -4.98 5.69 -17.08
N ARG B 38 -5.95 5.93 -16.20
CA ARG B 38 -6.56 7.24 -16.17
C ARG B 38 -5.56 8.29 -15.68
N ASP B 39 -4.77 7.94 -14.66
CA ASP B 39 -3.79 8.86 -14.07
C ASP B 39 -2.68 9.24 -15.05
N ILE B 40 -2.27 8.29 -15.87
CA ILE B 40 -1.17 8.50 -16.80
C ILE B 40 -1.67 8.96 -18.17
N GLY B 41 -2.69 8.27 -18.68
CA GLY B 41 -3.27 8.52 -19.97
C GLY B 41 -3.90 9.89 -20.11
N GLY B 42 -4.56 10.43 -19.07
CA GLY B 42 -5.08 11.78 -19.26
C GLY B 42 -6.22 11.80 -20.26
N ASP B 43 -6.98 10.72 -20.30
CA ASP B 43 -8.09 10.50 -21.21
C ASP B 43 -7.64 10.33 -22.67
N ARG B 44 -6.33 10.15 -22.89
CA ARG B 44 -5.83 9.84 -24.22
C ARG B 44 -6.02 8.36 -24.50
N PHE B 45 -6.32 7.62 -23.45
CA PHE B 45 -6.50 6.18 -23.43
C PHE B 45 -7.81 5.81 -22.76
N ALA B 46 -8.41 4.71 -23.19
CA ALA B 46 -9.59 4.17 -22.54
C ALA B 46 -9.50 2.67 -22.55
N VAL B 47 -9.99 2.05 -21.48
CA VAL B 47 -9.89 0.61 -21.39
C VAL B 47 -11.19 -0.16 -21.19
N ASP B 48 -11.33 -1.22 -22.00
CA ASP B 48 -12.43 -2.16 -21.96
C ASP B 48 -11.97 -3.45 -21.31
N VAL B 49 -12.81 -4.06 -20.49
CA VAL B 49 -12.38 -5.30 -19.86
C VAL B 49 -13.30 -6.46 -20.20
N PHE B 50 -12.67 -7.58 -20.48
CA PHE B 50 -13.32 -8.80 -20.87
C PHE B 50 -12.96 -9.92 -19.91
N ASP B 51 -13.89 -10.82 -19.65
CA ASP B 51 -13.58 -11.94 -18.79
C ASP B 51 -13.24 -13.16 -19.62
N VAL B 52 -12.39 -14.02 -19.09
CA VAL B 52 -12.07 -15.29 -19.72
C VAL B 52 -12.12 -16.34 -18.59
N PRO B 53 -12.60 -17.58 -18.81
CA PRO B 53 -12.60 -18.61 -17.78
C PRO B 53 -11.24 -18.69 -17.09
N GLY B 54 -10.16 -18.84 -17.86
CA GLY B 54 -8.84 -18.89 -17.23
C GLY B 54 -7.70 -18.45 -18.14
N ALA B 55 -6.47 -18.58 -17.63
CA ALA B 55 -5.31 -18.13 -18.39
C ALA B 55 -5.17 -18.85 -19.71
N TYR B 56 -5.55 -20.11 -19.72
CA TYR B 56 -5.46 -20.94 -20.89
C TYR B 56 -6.10 -20.34 -22.13
N GLU B 57 -7.27 -19.72 -22.01
CA GLU B 57 -7.93 -19.24 -23.20
C GLU B 57 -7.50 -17.81 -23.58
N ILE B 58 -6.63 -17.17 -22.78
CA ILE B 58 -6.29 -15.79 -23.08
C ILE B 58 -5.74 -15.61 -24.48
N PRO B 59 -4.76 -16.40 -24.96
CA PRO B 59 -4.20 -16.22 -26.28
C PRO B 59 -5.22 -16.25 -27.42
N LEU B 60 -6.37 -16.90 -27.28
CA LEU B 60 -7.26 -16.88 -28.42
C LEU B 60 -8.22 -15.75 -28.28
N HIS B 61 -8.63 -15.45 -27.05
CA HIS B 61 -9.60 -14.40 -26.84
C HIS B 61 -8.94 -13.07 -27.18
N ALA B 62 -7.72 -12.89 -26.66
CA ALA B 62 -6.91 -11.71 -26.87
C ALA B 62 -6.60 -11.50 -28.32
N ARG B 63 -6.39 -12.59 -29.04
CA ARG B 63 -6.10 -12.51 -30.45
C ARG B 63 -7.33 -12.18 -31.24
N THR B 64 -8.47 -12.78 -30.89
CA THR B 64 -9.69 -12.51 -31.63
C THR B 64 -9.91 -11.01 -31.59
N LEU B 65 -9.73 -10.47 -30.42
CA LEU B 65 -9.85 -9.06 -30.19
C LEU B 65 -8.74 -8.26 -30.91
N ALA B 66 -7.48 -8.67 -30.80
CA ALA B 66 -6.40 -7.91 -31.43
C ALA B 66 -6.55 -7.84 -32.95
N GLU B 67 -7.05 -8.90 -33.55
CA GLU B 67 -7.21 -8.97 -34.99
C GLU B 67 -8.44 -8.22 -35.48
N THR B 68 -9.20 -7.69 -34.55
CA THR B 68 -10.39 -6.95 -34.88
C THR B 68 -9.99 -5.52 -35.24
N GLY B 69 -8.81 -5.07 -34.76
CA GLY B 69 -8.34 -3.72 -35.07
C GLY B 69 -8.96 -2.63 -34.21
N ARG B 70 -9.72 -3.01 -33.21
CA ARG B 70 -10.40 -2.06 -32.36
C ARG B 70 -9.58 -1.62 -31.16
N TYR B 71 -8.40 -2.22 -30.98
CA TYR B 71 -7.56 -1.91 -29.85
C TYR B 71 -6.12 -1.63 -30.23
N GLY B 72 -5.51 -0.66 -29.55
CA GLY B 72 -4.11 -0.33 -29.73
C GLY B 72 -3.22 -1.33 -29.01
N ALA B 73 -3.71 -1.86 -27.89
CA ALA B 73 -2.94 -2.83 -27.11
C ALA B 73 -3.83 -3.71 -26.26
N VAL B 74 -3.32 -4.89 -25.88
CA VAL B 74 -4.07 -5.80 -25.02
C VAL B 74 -3.27 -6.27 -23.80
N LEU B 75 -3.87 -6.21 -22.62
CA LEU B 75 -3.26 -6.74 -21.41
C LEU B 75 -3.92 -8.04 -20.97
N GLY B 76 -3.16 -9.11 -20.91
CA GLY B 76 -3.75 -10.36 -20.43
C GLY B 76 -3.38 -10.54 -18.97
N THR B 77 -4.29 -11.06 -18.16
CA THR B 77 -3.94 -11.28 -16.77
C THR B 77 -4.59 -12.50 -16.12
N ALA B 78 -3.85 -13.10 -15.22
CA ALA B 78 -4.30 -14.26 -14.49
C ALA B 78 -3.42 -14.60 -13.31
N PHE B 79 -3.95 -15.39 -12.39
CA PHE B 79 -3.13 -15.90 -11.31
C PHE B 79 -3.12 -17.41 -11.47
N VAL B 80 -1.98 -17.95 -11.85
CA VAL B 80 -1.88 -19.36 -12.15
C VAL B 80 -1.14 -20.02 -11.03
N VAL B 81 -1.78 -20.96 -10.36
CA VAL B 81 -1.17 -21.50 -9.18
C VAL B 81 -1.09 -23.01 -9.19
N ASN B 82 -0.26 -23.53 -8.31
CA ASN B 82 -0.10 -24.95 -8.11
C ASN B 82 -1.19 -25.42 -7.17
N GLY B 83 -2.15 -26.17 -7.68
CA GLY B 83 -3.30 -26.57 -6.87
C GLY B 83 -2.99 -27.72 -5.92
N GLY B 84 -1.78 -28.29 -6.02
CA GLY B 84 -1.37 -29.40 -5.17
C GLY B 84 -1.78 -30.75 -5.73
N ILE B 85 -2.47 -30.71 -6.85
CA ILE B 85 -2.97 -31.90 -7.52
C ILE B 85 -2.14 -32.26 -8.73
N TYR B 86 -1.85 -31.24 -9.53
CA TYR B 86 -1.19 -31.40 -10.82
C TYR B 86 -0.26 -30.26 -11.12
N ARG B 87 0.60 -30.48 -12.08
CA ARG B 87 1.55 -29.46 -12.52
C ARG B 87 0.89 -28.41 -13.41
N HIS B 88 0.94 -27.15 -12.98
CA HIS B 88 0.32 -26.04 -13.68
C HIS B 88 1.25 -25.41 -14.71
N GLU B 89 2.52 -25.83 -14.68
CA GLU B 89 3.54 -25.29 -15.54
C GLU B 89 3.27 -25.50 -17.02
N PHE B 90 2.59 -26.58 -17.37
CA PHE B 90 2.34 -26.87 -18.77
C PHE B 90 1.44 -25.81 -19.37
N VAL B 91 0.41 -25.42 -18.62
CA VAL B 91 -0.46 -24.40 -19.13
C VAL B 91 0.25 -23.08 -19.09
N ALA B 92 0.93 -22.79 -17.98
CA ALA B 92 1.58 -21.50 -17.89
C ALA B 92 2.55 -21.30 -19.03
N SER B 93 3.25 -22.36 -19.43
CA SER B 93 4.17 -22.27 -20.53
C SER B 93 3.43 -22.01 -21.83
N ALA B 94 2.35 -22.77 -22.07
CA ALA B 94 1.61 -22.58 -23.30
C ALA B 94 1.02 -21.17 -23.38
N VAL B 95 0.58 -20.63 -22.25
CA VAL B 95 -0.03 -19.32 -22.22
C VAL B 95 0.96 -18.20 -22.46
N ILE B 96 2.12 -18.26 -21.82
CA ILE B 96 3.08 -17.18 -22.04
C ILE B 96 3.56 -17.24 -23.47
N ASN B 97 3.73 -18.45 -24.01
CA ASN B 97 4.21 -18.55 -25.37
C ASN B 97 3.13 -18.13 -26.31
N GLY B 98 1.88 -18.42 -25.94
CA GLY B 98 0.72 -18.07 -26.71
C GLY B 98 0.65 -16.57 -26.84
N MET B 99 0.72 -15.84 -25.73
CA MET B 99 0.63 -14.40 -25.80
C MET B 99 1.78 -13.80 -26.59
N MET B 100 2.97 -14.38 -26.45
CA MET B 100 4.12 -13.90 -27.19
C MET B 100 3.86 -14.08 -28.68
N ASN B 101 3.31 -15.23 -29.05
CA ASN B 101 3.04 -15.49 -30.44
C ASN B 101 1.94 -14.59 -30.96
N VAL B 102 0.97 -14.27 -30.12
CA VAL B 102 -0.10 -13.43 -30.60
C VAL B 102 0.43 -12.07 -30.93
N GLN B 103 1.23 -11.45 -30.06
CA GLN B 103 1.63 -10.11 -30.46
C GLN B 103 2.53 -10.14 -31.69
N LEU B 104 3.24 -11.24 -31.87
CA LEU B 104 4.09 -11.37 -33.03
C LEU B 104 3.29 -11.74 -34.29
N ASN B 105 2.05 -12.17 -34.12
CA ASN B 105 1.24 -12.49 -35.28
C ASN B 105 0.31 -11.34 -35.64
N THR B 106 -0.06 -10.51 -34.66
CA THR B 106 -1.02 -9.45 -34.92
C THR B 106 -0.45 -8.05 -35.03
N GLY B 107 0.72 -7.79 -34.46
CA GLY B 107 1.28 -6.45 -34.50
C GLY B 107 0.71 -5.57 -33.39
N VAL B 108 -0.02 -6.19 -32.49
CA VAL B 108 -0.66 -5.51 -31.38
C VAL B 108 0.04 -5.99 -30.13
N PRO B 109 0.71 -5.15 -29.37
CA PRO B 109 1.47 -5.58 -28.24
C PRO B 109 0.55 -6.18 -27.24
N VAL B 110 0.99 -7.28 -26.65
CA VAL B 110 0.22 -7.92 -25.63
C VAL B 110 1.05 -7.90 -24.38
N LEU B 111 0.53 -7.33 -23.32
CA LEU B 111 1.29 -7.28 -22.09
C LEU B 111 0.92 -8.45 -21.23
N SER B 112 1.89 -8.94 -20.47
CA SER B 112 1.61 -10.06 -19.58
C SER B 112 1.57 -9.71 -18.12
N ALA B 113 0.45 -10.00 -17.52
CA ALA B 113 0.23 -9.85 -16.11
C ALA B 113 -0.33 -11.16 -15.62
N VAL B 114 0.27 -12.23 -16.12
CA VAL B 114 -0.05 -13.57 -15.70
C VAL B 114 1.05 -13.99 -14.75
N LEU B 115 0.67 -14.23 -13.50
CA LEU B 115 1.66 -14.54 -12.49
C LEU B 115 1.66 -16.01 -12.14
N THR B 116 2.86 -16.55 -11.96
CA THR B 116 3.09 -17.92 -11.55
C THR B 116 3.96 -17.93 -10.29
N PRO B 117 3.37 -17.79 -9.08
CA PRO B 117 3.99 -17.55 -7.79
C PRO B 117 4.76 -18.77 -7.41
N HIS B 118 5.76 -18.61 -6.57
CA HIS B 118 6.48 -19.77 -6.08
C HIS B 118 5.62 -20.59 -5.14
N ASN B 119 4.84 -19.90 -4.32
CA ASN B 119 3.98 -20.52 -3.33
C ASN B 119 2.74 -19.71 -3.03
N TYR B 120 1.61 -20.41 -2.99
CA TYR B 120 0.32 -19.83 -2.66
C TYR B 120 -0.60 -20.89 -2.13
N ASP B 121 -0.84 -20.88 -0.81
CA ASP B 121 -1.65 -21.89 -0.16
C ASP B 121 -3.00 -21.34 0.25
N LYS B 122 -3.29 -20.14 -0.23
CA LYS B 122 -4.51 -19.40 0.07
C LYS B 122 -4.64 -19.14 1.57
N SER B 123 -3.53 -18.86 2.23
CA SER B 123 -3.54 -18.54 3.64
C SER B 123 -3.98 -17.11 3.80
N LYS B 124 -4.30 -16.68 5.01
CA LYS B 124 -4.69 -15.29 5.19
C LYS B 124 -3.62 -14.36 4.64
N ALA B 125 -2.38 -14.59 5.06
CA ALA B 125 -1.29 -13.74 4.64
C ALA B 125 -1.05 -13.83 3.15
N HIS B 126 -1.20 -15.02 2.57
CA HIS B 126 -0.94 -15.14 1.16
C HIS B 126 -1.97 -14.40 0.36
N THR B 127 -3.23 -14.48 0.76
CA THR B 127 -4.25 -13.83 0.00
C THR B 127 -4.00 -12.35 0.00
N LEU B 128 -3.71 -11.81 1.17
CA LEU B 128 -3.52 -10.39 1.33
C LEU B 128 -2.29 -9.91 0.58
N LEU B 129 -1.24 -10.73 0.58
CA LEU B 129 -0.03 -10.39 -0.11
C LEU B 129 -0.28 -10.27 -1.58
N PHE B 130 -0.98 -11.23 -2.14
CA PHE B 130 -1.19 -11.16 -3.55
C PHE B 130 -2.17 -10.08 -3.92
N LEU B 131 -3.15 -9.75 -3.08
CA LEU B 131 -4.02 -8.67 -3.50
C LEU B 131 -3.19 -7.41 -3.70
N ALA B 132 -2.26 -7.16 -2.77
CA ALA B 132 -1.42 -5.97 -2.88
C ALA B 132 -0.41 -6.05 -4.01
N LEU B 133 0.17 -7.23 -4.23
CA LEU B 133 1.16 -7.35 -5.29
C LEU B 133 0.51 -7.20 -6.65
N PHE B 134 -0.70 -7.70 -6.79
CA PHE B 134 -1.40 -7.56 -8.05
C PHE B 134 -1.73 -6.11 -8.31
N ALA B 135 -2.13 -5.38 -7.27
CA ALA B 135 -2.39 -3.97 -7.45
C ALA B 135 -1.14 -3.26 -7.97
N VAL B 136 0.03 -3.67 -7.48
CA VAL B 136 1.27 -3.08 -7.94
C VAL B 136 1.51 -3.40 -9.39
N LYS B 137 1.30 -4.66 -9.77
CA LYS B 137 1.53 -5.05 -11.14
C LYS B 137 0.60 -4.30 -12.07
N GLY B 138 -0.62 -4.02 -11.61
CA GLY B 138 -1.57 -3.26 -12.41
C GLY B 138 -0.98 -1.90 -12.72
N MET B 139 -0.48 -1.23 -11.69
CA MET B 139 0.10 0.09 -11.88
C MET B 139 1.30 0.03 -12.82
N GLU B 140 2.14 -1.01 -12.69
CA GLU B 140 3.29 -1.11 -13.56
C GLU B 140 2.88 -1.34 -15.00
N ALA B 141 1.87 -2.18 -15.20
CA ALA B 141 1.39 -2.48 -16.52
C ALA B 141 0.85 -1.24 -17.18
N ALA B 142 0.17 -0.38 -16.43
CA ALA B 142 -0.36 0.83 -17.04
C ALA B 142 0.76 1.70 -17.53
N ARG B 143 1.83 1.79 -16.76
CA ARG B 143 2.94 2.58 -17.19
C ARG B 143 3.57 1.95 -18.42
N ALA B 144 3.73 0.63 -18.40
CA ALA B 144 4.32 -0.05 -19.53
C ALA B 144 3.50 0.15 -20.77
N CYS B 145 2.18 0.11 -20.62
CA CYS B 145 1.28 0.27 -21.72
C CYS B 145 1.46 1.58 -22.40
N VAL B 146 1.44 2.64 -21.64
CA VAL B 146 1.53 3.94 -22.27
C VAL B 146 2.89 4.09 -22.94
N GLU B 147 3.95 3.69 -22.25
CA GLU B 147 5.29 3.86 -22.79
C GLU B 147 5.58 2.99 -24.01
N ILE B 148 5.12 1.75 -24.04
CA ILE B 148 5.42 0.90 -25.19
C ILE B 148 4.59 1.29 -26.38
N LEU B 149 3.36 1.70 -26.14
CA LEU B 149 2.52 2.06 -27.24
C LEU B 149 3.16 3.28 -27.88
N ALA B 150 3.49 4.27 -27.06
CA ALA B 150 4.11 5.47 -27.56
C ALA B 150 5.47 5.19 -28.19
N ALA B 151 6.24 4.26 -27.61
CA ALA B 151 7.54 3.98 -28.17
C ALA B 151 7.48 3.37 -29.57
N ARG B 152 6.51 2.48 -29.83
CA ARG B 152 6.45 1.90 -31.16
C ARG B 152 6.05 2.94 -32.19
N GLU B 153 5.32 3.96 -31.75
CA GLU B 153 4.88 5.05 -32.62
C GLU B 153 6.06 5.89 -33.11
N LYS B 154 7.23 5.76 -32.48
CA LYS B 154 8.39 6.54 -32.83
C LYS B 154 9.21 5.90 -33.96
N ILE B 155 8.87 4.68 -34.36
CA ILE B 155 9.63 3.99 -35.39
C ILE B 155 9.15 4.41 -36.78
#